data_5I39
#
_entry.id   5I39
#
_cell.length_a   57.265
_cell.length_b   63.708
_cell.length_c   125.028
_cell.angle_alpha   90.00
_cell.angle_beta   90.00
_cell.angle_gamma   90.00
#
_symmetry.space_group_name_H-M   'P 21 21 21'
#
loop_
_entity.id
_entity.type
_entity.pdbx_description
1 polymer 'L-amino acid deaminase'
2 non-polymer 'FLAVIN-ADENINE DINUCLEOTIDE'
3 non-polymer 1,2-ETHANEDIOL
4 water water
#
_entity_poly.entity_id   1
_entity_poly.type   'polypeptide(L)'
_entity_poly.pdbx_seq_one_letter_code
;(MSE)RGSHHHHHHGSREGRFVPGTPRHGFVEGTEGALPKQADVVVVGAGILGI(MSE)TAINLVERGLSVVIVEKGNIA
GEQSSRFYGQAISYK(MSE)PDETFLLHHLGKHRWRE(MSE)NAKVGIDTTYRTQGRVEVPLDEEDLVNVRKWIDERSKN
VGSDIPFKTRIIEGAELNQRLRGATTDWKIAGFEEDSGSFDPEVATFV(MSE)AEYAKK(MSE)GVRIYTQCAARGLETQ
AGVISDVVTEKGAIKTSQVVVAGGVWSRLF(MSE)QNLNVDVPTLPAYQSQQLISGSPTAPGGNVALPGGIFFREQADGT
YATSPRVIVAPVVKESGGSSTALPDLPELNASLEKLKAEFPAFKESKLIDQWSGA(MSE)AIAPDENPIISEVKEYPGLV
INTATGWG(MSE)TESPVSAELTADLLLGKKPVLDPKPFSLYRF
;
_entity_poly.pdbx_strand_id   A
#
# COMPACT_ATOMS: atom_id res chain seq x y z
N GLU A 14 17.08 -4.58 -6.32
CA GLU A 14 18.04 -4.81 -7.45
C GLU A 14 17.68 -6.06 -8.27
N GLY A 15 18.05 -7.24 -7.78
CA GLY A 15 17.86 -8.51 -8.49
C GLY A 15 16.41 -8.94 -8.73
N ARG A 16 15.50 -8.44 -7.91
CA ARG A 16 14.06 -8.66 -8.09
C ARG A 16 13.48 -7.99 -9.34
N PHE A 17 14.05 -6.85 -9.73
CA PHE A 17 13.67 -6.17 -10.98
C PHE A 17 14.38 -6.84 -12.15
N VAL A 18 13.64 -7.11 -13.21
CA VAL A 18 14.15 -7.82 -14.38
C VAL A 18 13.94 -6.97 -15.63
N PRO A 19 14.99 -6.25 -16.08
CA PRO A 19 14.88 -5.44 -17.31
C PRO A 19 14.40 -6.24 -18.53
N GLY A 20 13.66 -5.58 -19.43
CA GLY A 20 13.16 -6.23 -20.64
C GLY A 20 12.04 -7.25 -20.43
N THR A 21 11.35 -7.15 -19.29
CA THR A 21 10.20 -7.98 -18.96
C THR A 21 9.18 -7.07 -18.27
N PRO A 22 7.95 -7.55 -18.02
CA PRO A 22 6.98 -6.76 -17.24
C PRO A 22 7.43 -6.36 -15.82
N ARG A 23 8.47 -7.00 -15.28
CA ARG A 23 9.05 -6.68 -13.98
C ARG A 23 10.24 -5.70 -14.05
N HIS A 24 10.28 -4.90 -15.13
CA HIS A 24 11.36 -3.92 -15.37
C HIS A 24 11.52 -2.89 -14.24
N GLY A 25 10.41 -2.45 -13.65
CA GLY A 25 10.44 -1.51 -12.53
C GLY A 25 10.99 -0.14 -12.86
N PHE A 26 10.58 0.40 -14.01
CA PHE A 26 10.96 1.74 -14.44
C PHE A 26 9.94 2.26 -15.45
N VAL A 27 9.34 3.40 -15.12
CA VAL A 27 8.45 4.11 -16.02
C VAL A 27 9.04 5.49 -16.20
N GLU A 28 9.29 5.87 -17.46
CA GLU A 28 9.89 7.17 -17.72
C GLU A 28 8.88 8.29 -17.46
N GLY A 29 9.39 9.41 -16.99
CA GLY A 29 8.58 10.62 -16.86
C GLY A 29 8.17 11.16 -18.22
N THR A 30 7.14 12.01 -18.20
CA THR A 30 6.71 12.74 -19.39
C THR A 30 7.87 13.60 -19.92
N GLU A 31 8.06 13.58 -21.24
CA GLU A 31 9.12 14.35 -21.88
C GLU A 31 8.73 15.82 -22.01
N GLY A 32 9.72 16.68 -22.22
CA GLY A 32 9.50 18.09 -22.53
C GLY A 32 9.43 19.00 -21.31
N ALA A 33 9.09 20.25 -21.56
CA ALA A 33 9.08 21.29 -20.53
C ALA A 33 7.95 21.10 -19.54
N LEU A 34 8.14 21.60 -18.33
CA LEU A 34 7.10 21.62 -17.32
C LEU A 34 5.95 22.47 -17.84
N PRO A 35 4.70 21.97 -17.77
CA PRO A 35 3.57 22.77 -18.26
C PRO A 35 3.40 24.08 -17.50
N LYS A 36 2.82 25.07 -18.17
CA LYS A 36 2.56 26.36 -17.53
C LYS A 36 1.45 26.30 -16.50
N GLN A 37 0.51 25.39 -16.68
CA GLN A 37 -0.67 25.29 -15.83
C GLN A 37 -1.18 23.86 -15.74
N ALA A 38 -1.84 23.55 -14.63
CA ALA A 38 -2.60 22.29 -14.48
C ALA A 38 -3.74 22.53 -13.51
N ASP A 39 -4.88 21.87 -13.74
CA ASP A 39 -6.03 22.03 -12.84
C ASP A 39 -5.69 21.55 -11.42
N VAL A 40 -4.92 20.48 -11.32
CA VAL A 40 -4.41 19.99 -10.04
C VAL A 40 -2.94 19.61 -10.22
N VAL A 41 -2.12 20.00 -9.26
CA VAL A 41 -0.73 19.53 -9.18
C VAL A 41 -0.61 18.58 -7.99
N VAL A 42 -0.07 17.40 -8.27
CA VAL A 42 0.13 16.36 -7.26
C VAL A 42 1.63 16.28 -6.97
N VAL A 43 1.97 16.34 -5.68
CA VAL A 43 3.35 16.18 -5.23
C VAL A 43 3.56 14.72 -4.87
N GLY A 44 4.34 14.01 -5.70
CA GLY A 44 4.71 12.63 -5.45
C GLY A 44 4.08 11.64 -6.43
N ALA A 45 4.92 10.81 -7.05
CA ALA A 45 4.48 9.75 -7.96
C ALA A 45 4.67 8.35 -7.35
N GLY A 46 4.25 8.20 -6.10
CA GLY A 46 4.00 6.89 -5.53
C GLY A 46 2.55 6.50 -5.81
N ILE A 47 2.11 5.41 -5.18
CA ILE A 47 0.77 4.91 -5.43
C ILE A 47 -0.31 5.94 -5.06
N LEU A 48 -0.10 6.70 -4.00
CA LEU A 48 -1.15 7.62 -3.56
C LEU A 48 -1.30 8.78 -4.53
N GLY A 49 -0.20 9.36 -4.97
CA GLY A 49 -0.25 10.43 -5.97
C GLY A 49 -0.79 9.96 -7.31
N ILE A 50 -0.33 8.80 -7.75
CA ILE A 50 -0.77 8.22 -9.03
C ILE A 50 -2.26 7.92 -9.00
N THR A 52 -4.60 9.03 -6.98
CA THR A 52 -5.38 10.27 -6.86
C THR A 52 -5.45 11.00 -8.20
N ALA A 53 -4.34 11.08 -8.91
CA ALA A 53 -4.30 11.70 -10.24
C ALA A 53 -5.27 11.03 -11.21
N ILE A 54 -5.29 9.71 -11.22
CA ILE A 54 -6.22 8.96 -12.07
C ILE A 54 -7.68 9.33 -11.74
N ASN A 55 -7.99 9.36 -10.46
CA ASN A 55 -9.34 9.70 -10.02
C ASN A 55 -9.75 11.11 -10.47
N LEU A 56 -8.82 12.06 -10.36
CA LEU A 56 -9.09 13.43 -10.77
C LEU A 56 -9.29 13.58 -12.28
N VAL A 57 -8.49 12.89 -13.09
CA VAL A 57 -8.65 12.95 -14.54
C VAL A 57 -10.03 12.38 -14.96
N GLU A 58 -10.50 11.36 -14.28
CA GLU A 58 -11.85 10.83 -14.54
C GLU A 58 -12.95 11.86 -14.29
N ARG A 59 -12.69 12.81 -13.40
CA ARG A 59 -13.61 13.93 -13.12
C ARG A 59 -13.46 15.11 -14.09
N GLY A 60 -12.61 14.98 -15.11
CA GLY A 60 -12.45 16.00 -16.15
C GLY A 60 -11.40 17.05 -15.89
N LEU A 61 -10.52 16.80 -14.91
CA LEU A 61 -9.48 17.77 -14.53
C LEU A 61 -8.14 17.38 -15.13
N SER A 62 -7.38 18.37 -15.59
CA SER A 62 -6.00 18.12 -16.00
C SER A 62 -5.12 17.99 -14.74
N VAL A 63 -4.18 17.05 -14.80
CA VAL A 63 -3.33 16.75 -13.65
C VAL A 63 -1.87 16.65 -14.07
N VAL A 64 -1.02 17.31 -13.30
CA VAL A 64 0.42 17.13 -13.38
C VAL A 64 0.92 16.60 -12.05
N ILE A 65 1.73 15.55 -12.10
CA ILE A 65 2.45 15.05 -10.93
C ILE A 65 3.90 15.51 -11.06
N VAL A 66 4.44 16.05 -9.96
CA VAL A 66 5.87 16.31 -9.88
C VAL A 66 6.49 15.34 -8.88
N GLU A 67 7.60 14.73 -9.29
CA GLU A 67 8.25 13.65 -8.56
C GLU A 67 9.75 13.96 -8.48
N LYS A 68 10.28 14.05 -7.27
CA LYS A 68 11.67 14.47 -7.05
C LYS A 68 12.68 13.45 -7.56
N GLY A 69 12.32 12.17 -7.55
CA GLY A 69 13.19 11.10 -8.05
C GLY A 69 12.54 10.41 -9.23
N ASN A 70 12.55 9.07 -9.21
CA ASN A 70 11.88 8.27 -10.23
C ASN A 70 10.45 7.93 -9.81
N ILE A 71 9.62 7.64 -10.80
CA ILE A 71 8.27 7.15 -10.55
C ILE A 71 8.32 5.87 -9.72
N ALA A 72 7.53 5.84 -8.65
CA ALA A 72 7.39 4.66 -7.79
C ALA A 72 8.72 4.19 -7.18
N GLY A 73 9.64 5.12 -6.97
CA GLY A 73 10.99 4.80 -6.50
C GLY A 73 11.15 4.54 -5.01
N GLU A 74 10.11 4.78 -4.22
CA GLU A 74 10.21 4.67 -2.76
C GLU A 74 9.26 3.59 -2.24
N GLN A 75 8.35 3.89 -1.32
CA GLN A 75 7.56 2.84 -0.66
C GLN A 75 6.78 1.97 -1.64
N SER A 76 6.28 2.60 -2.70
CA SER A 76 5.37 1.96 -3.63
C SER A 76 6.03 0.95 -4.59
N SER A 77 7.32 0.70 -4.45
CA SER A 77 7.96 -0.46 -5.09
C SER A 77 8.76 -1.31 -4.11
N ARG A 78 8.48 -1.20 -2.81
CA ARG A 78 9.29 -1.86 -1.78
CA ARG A 78 9.29 -1.87 -1.77
C ARG A 78 8.47 -2.65 -0.77
N PHE A 79 7.18 -2.82 -1.05
CA PHE A 79 6.23 -3.36 -0.08
C PHE A 79 6.22 -4.90 -0.06
N TYR A 80 5.60 -5.44 0.98
CA TYR A 80 5.49 -6.89 1.17
C TYR A 80 4.52 -7.50 0.18
N GLY A 81 3.35 -6.87 0.04
CA GLY A 81 2.42 -7.16 -1.06
C GLY A 81 1.09 -7.81 -0.72
N GLN A 82 0.59 -7.59 0.49
CA GLN A 82 -0.72 -8.14 0.85
C GLN A 82 -1.75 -7.02 1.00
N ALA A 83 -2.96 -7.31 0.52
CA ALA A 83 -4.11 -6.41 0.63
C ALA A 83 -5.11 -7.09 1.55
N ILE A 84 -5.15 -6.61 2.80
CA ILE A 84 -5.90 -7.30 3.85
C ILE A 84 -6.75 -6.32 4.64
N SER A 85 -7.88 -6.83 5.15
CA SER A 85 -8.66 -6.12 6.17
C SER A 85 -8.52 -6.74 7.56
N TYR A 86 -7.75 -7.82 7.68
CA TYR A 86 -7.65 -8.59 8.94
C TYR A 86 -7.23 -7.72 10.11
N LYS A 87 -8.04 -7.76 11.19
CA LYS A 87 -7.81 -7.00 12.43
CA LYS A 87 -7.80 -7.00 12.42
C LYS A 87 -7.92 -5.48 12.28
N PRO A 89 -9.21 -1.86 12.60
CA PRO A 89 -10.23 -1.23 13.43
C PRO A 89 -11.31 -0.58 12.59
N ASP A 90 -12.39 -0.16 13.22
CA ASP A 90 -13.51 0.45 12.50
C ASP A 90 -13.09 1.67 11.68
N GLU A 91 -12.07 2.38 12.12
CA GLU A 91 -11.60 3.58 11.42
C GLU A 91 -11.14 3.26 9.98
N THR A 92 -10.48 2.12 9.79
CA THR A 92 -9.91 1.76 8.49
C THR A 92 -10.49 0.51 7.86
N PHE A 93 -11.43 -0.17 8.52
CA PHE A 93 -11.93 -1.42 7.95
C PHE A 93 -12.51 -1.23 6.55
N LEU A 94 -13.43 -0.29 6.38
CA LEU A 94 -14.06 -0.10 5.07
C LEU A 94 -13.07 0.40 4.02
N LEU A 95 -12.13 1.23 4.43
CA LEU A 95 -11.06 1.66 3.54
C LEU A 95 -10.35 0.45 2.92
N HIS A 96 -10.10 -0.57 3.74
CA HIS A 96 -9.47 -1.80 3.28
C HIS A 96 -10.41 -2.75 2.55
N HIS A 97 -11.63 -2.88 3.04
CA HIS A 97 -12.64 -3.76 2.47
C HIS A 97 -12.99 -3.30 1.04
N LEU A 98 -13.27 -2.01 0.90
CA LEU A 98 -13.52 -1.41 -0.42
C LEU A 98 -12.24 -1.34 -1.26
N GLY A 99 -11.10 -1.10 -0.63
CA GLY A 99 -9.83 -1.10 -1.35
C GLY A 99 -9.58 -2.41 -2.08
N LYS A 100 -9.76 -3.52 -1.36
CA LYS A 100 -9.63 -4.84 -1.97
C LYS A 100 -10.63 -5.03 -3.12
N HIS A 101 -11.88 -4.61 -2.89
CA HIS A 101 -12.92 -4.72 -3.91
C HIS A 101 -12.54 -3.99 -5.19
N ARG A 102 -11.95 -2.81 -5.05
CA ARG A 102 -11.47 -2.05 -6.19
C ARG A 102 -10.23 -2.66 -6.82
N TRP A 103 -9.33 -3.21 -6.01
CA TRP A 103 -8.22 -3.97 -6.58
C TRP A 103 -8.70 -5.18 -7.40
N ARG A 104 -9.79 -5.81 -6.97
CA ARG A 104 -10.39 -6.90 -7.76
C ARG A 104 -10.92 -6.45 -9.13
N GLU A 105 -11.16 -5.16 -9.30
CA GLU A 105 -11.53 -4.56 -10.59
C GLU A 105 -10.34 -4.08 -11.40
N ASN A 107 -7.27 -5.14 -12.82
CA ASN A 107 -6.77 -5.69 -14.08
C ASN A 107 -7.74 -5.42 -15.23
N ALA A 108 -9.05 -5.50 -14.94
CA ALA A 108 -10.06 -5.17 -15.93
C ALA A 108 -10.10 -3.68 -16.26
N LYS A 109 -9.77 -2.83 -15.29
CA LYS A 109 -9.73 -1.38 -15.50
C LYS A 109 -8.55 -0.96 -16.38
N VAL A 110 -7.39 -1.55 -16.14
CA VAL A 110 -6.20 -1.20 -16.92
C VAL A 110 -6.15 -2.02 -18.23
N GLY A 111 -6.63 -3.25 -18.18
CA GLY A 111 -6.48 -4.18 -19.31
C GLY A 111 -5.08 -4.75 -19.42
N ILE A 112 -4.26 -4.53 -18.39
CA ILE A 112 -2.90 -5.03 -18.29
C ILE A 112 -2.77 -5.57 -16.88
N ASP A 113 -2.10 -6.71 -16.75
CA ASP A 113 -1.96 -7.39 -15.47
C ASP A 113 -1.13 -6.54 -14.49
N THR A 114 -1.76 -6.12 -13.40
CA THR A 114 -1.08 -5.38 -12.34
C THR A 114 -0.30 -6.30 -11.39
N THR A 115 -0.50 -7.63 -11.55
CA THR A 115 -0.15 -8.72 -10.62
C THR A 115 -1.16 -8.89 -9.48
N TYR A 116 -2.21 -8.08 -9.41
CA TYR A 116 -3.19 -8.28 -8.34
C TYR A 116 -3.86 -9.64 -8.50
N ARG A 117 -3.92 -10.38 -7.39
CA ARG A 117 -4.60 -11.66 -7.34
C ARG A 117 -5.43 -11.72 -6.07
N THR A 118 -6.61 -12.34 -6.16
CA THR A 118 -7.35 -12.73 -4.96
C THR A 118 -6.80 -14.09 -4.56
N GLN A 119 -6.11 -14.10 -3.42
CA GLN A 119 -5.19 -15.17 -3.05
C GLN A 119 -5.62 -15.97 -1.81
N GLY A 120 -6.07 -15.27 -0.77
CA GLY A 120 -6.37 -15.93 0.50
C GLY A 120 -5.19 -15.93 1.44
N ARG A 121 -5.47 -15.73 2.72
CA ARG A 121 -4.45 -15.56 3.75
C ARG A 121 -4.85 -16.31 5.00
N VAL A 122 -3.94 -17.17 5.47
CA VAL A 122 -4.16 -17.90 6.73
CA VAL A 122 -4.11 -17.95 6.70
C VAL A 122 -3.19 -17.38 7.78
N GLU A 123 -3.77 -16.95 8.91
CA GLU A 123 -2.97 -16.50 10.04
C GLU A 123 -3.32 -17.34 11.26
N VAL A 124 -2.37 -18.15 11.71
CA VAL A 124 -2.53 -18.93 12.93
C VAL A 124 -2.35 -17.97 14.12
N PRO A 125 -3.30 -17.96 15.08
CA PRO A 125 -3.16 -17.05 16.22
C PRO A 125 -1.98 -17.40 17.11
N LEU A 126 -1.48 -16.41 17.84
CA LEU A 126 -0.30 -16.59 18.71
C LEU A 126 -0.57 -17.49 19.91
N ASP A 127 -1.75 -17.35 20.49
CA ASP A 127 -2.13 -18.04 21.72
C ASP A 127 -3.65 -18.01 21.86
N GLU A 128 -4.17 -18.59 22.94
CA GLU A 128 -5.62 -18.63 23.17
C GLU A 128 -6.24 -17.22 23.25
N GLU A 129 -5.54 -16.27 23.88
CA GLU A 129 -6.01 -14.88 23.97
C GLU A 129 -6.14 -14.24 22.59
N ASP A 130 -5.14 -14.43 21.75
CA ASP A 130 -5.16 -13.91 20.38
C ASP A 130 -6.34 -14.51 19.60
N LEU A 131 -6.58 -15.80 19.78
CA LEU A 131 -7.71 -16.48 19.15
C LEU A 131 -9.06 -15.90 19.62
N VAL A 132 -9.19 -15.63 20.93
CA VAL A 132 -10.38 -14.95 21.45
C VAL A 132 -10.56 -13.61 20.73
N ASN A 133 -9.47 -12.85 20.63
CA ASN A 133 -9.53 -11.52 20.04
C ASN A 133 -9.90 -11.53 18.56
N VAL A 134 -9.32 -12.45 17.79
CA VAL A 134 -9.67 -12.53 16.36
CA VAL A 134 -9.67 -12.56 16.37
C VAL A 134 -11.11 -13.01 16.16
N ARG A 135 -11.54 -13.98 16.98
CA ARG A 135 -12.93 -14.44 16.89
C ARG A 135 -13.92 -13.32 17.18
N LYS A 136 -13.64 -12.52 18.20
CA LYS A 136 -14.50 -11.37 18.51
C LYS A 136 -14.51 -10.37 17.35
N TRP A 137 -13.33 -10.10 16.79
CA TRP A 137 -13.20 -9.19 15.66
C TRP A 137 -14.06 -9.63 14.47
N ILE A 138 -13.99 -10.92 14.13
CA ILE A 138 -14.79 -11.44 13.01
C ILE A 138 -16.29 -11.40 13.33
N ASP A 139 -16.66 -11.85 14.53
CA ASP A 139 -18.06 -11.82 14.97
CA ASP A 139 -18.05 -11.82 15.00
C ASP A 139 -18.62 -10.40 14.87
N GLU A 140 -17.94 -9.45 15.50
CA GLU A 140 -18.42 -8.07 15.49
C GLU A 140 -18.57 -7.51 14.08
N ARG A 141 -17.60 -7.77 13.20
CA ARG A 141 -17.72 -7.29 11.82
C ARG A 141 -18.87 -7.97 11.07
N SER A 142 -19.05 -9.27 11.27
CA SER A 142 -20.14 -10.01 10.62
C SER A 142 -21.52 -9.47 11.01
N LYS A 143 -21.67 -8.97 12.23
CA LYS A 143 -22.96 -8.44 12.68
C LYS A 143 -23.30 -7.09 12.05
N ASN A 144 -22.29 -6.37 11.57
CA ASN A 144 -22.49 -5.08 10.92
C ASN A 144 -21.33 -4.80 9.97
N VAL A 145 -21.40 -5.36 8.77
CA VAL A 145 -20.27 -5.26 7.84
C VAL A 145 -20.05 -3.80 7.41
N GLY A 146 -21.14 -3.08 7.18
CA GLY A 146 -21.09 -1.67 6.76
C GLY A 146 -20.96 -1.49 5.26
N SER A 147 -21.14 -2.57 4.51
CA SER A 147 -21.00 -2.59 3.06
C SER A 147 -21.76 -3.77 2.52
N ASP A 148 -22.27 -3.64 1.29
CA ASP A 148 -22.89 -4.76 0.59
CA ASP A 148 -22.88 -4.76 0.58
C ASP A 148 -21.86 -5.69 -0.07
N ILE A 149 -20.58 -5.29 -0.07
CA ILE A 149 -19.49 -6.15 -0.53
C ILE A 149 -19.37 -7.29 0.49
N PRO A 150 -19.53 -8.56 0.07
CA PRO A 150 -19.50 -9.64 1.06
CA PRO A 150 -19.52 -9.62 1.09
C PRO A 150 -18.18 -9.76 1.82
N PHE A 151 -18.28 -10.04 3.12
CA PHE A 151 -17.15 -10.27 4.01
C PHE A 151 -16.79 -11.74 3.92
N LYS A 152 -15.50 -12.04 3.78
CA LYS A 152 -15.05 -13.42 3.50
C LYS A 152 -13.96 -13.93 4.44
N THR A 153 -13.95 -13.42 5.67
CA THR A 153 -12.98 -13.81 6.68
C THR A 153 -13.64 -14.70 7.72
N ARG A 154 -12.99 -15.81 8.05
CA ARG A 154 -13.57 -16.80 8.93
C ARG A 154 -12.50 -17.72 9.50
N ILE A 155 -12.83 -18.36 10.62
CA ILE A 155 -11.92 -19.29 11.29
C ILE A 155 -12.01 -20.67 10.64
N ILE A 156 -10.86 -21.26 10.34
CA ILE A 156 -10.81 -22.59 9.73
C ILE A 156 -9.96 -23.57 10.53
N GLU A 157 -10.34 -24.84 10.38
CA GLU A 157 -9.70 -25.99 11.00
CA GLU A 157 -9.64 -25.97 10.98
C GLU A 157 -9.77 -27.16 10.03
N GLY A 158 -9.10 -28.25 10.36
CA GLY A 158 -9.24 -29.49 9.60
C GLY A 158 -8.79 -29.41 8.16
N ALA A 159 -9.49 -30.12 7.28
CA ALA A 159 -9.08 -30.31 5.89
C ALA A 159 -8.76 -29.01 5.15
N GLU A 160 -9.63 -28.01 5.30
CA GLU A 160 -9.42 -26.74 4.60
C GLU A 160 -8.12 -26.06 5.04
N LEU A 161 -7.86 -26.07 6.34
CA LEU A 161 -6.61 -25.53 6.87
C LEU A 161 -5.40 -26.34 6.40
N ASN A 162 -5.51 -27.66 6.48
CA ASN A 162 -4.42 -28.54 6.09
C ASN A 162 -4.01 -28.34 4.63
N GLN A 163 -4.99 -28.09 3.76
CA GLN A 163 -4.70 -27.83 2.35
C GLN A 163 -3.92 -26.53 2.17
N ARG A 164 -4.30 -25.49 2.92
CA ARG A 164 -3.59 -24.20 2.85
CA ARG A 164 -3.60 -24.19 2.87
C ARG A 164 -2.17 -24.26 3.41
N LEU A 165 -1.94 -25.17 4.35
CA LEU A 165 -0.63 -25.33 4.99
C LEU A 165 0.03 -26.65 4.64
N ARG A 166 -0.21 -27.14 3.42
CA ARG A 166 0.33 -28.43 3.01
C ARG A 166 1.87 -28.39 2.98
N GLY A 167 2.47 -29.44 3.54
CA GLY A 167 3.92 -29.52 3.67
C GLY A 167 4.50 -28.86 4.91
N ALA A 168 3.65 -28.33 5.80
CA ALA A 168 4.10 -27.73 7.05
C ALA A 168 4.63 -28.80 8.00
N THR A 169 5.73 -28.50 8.69
CA THR A 169 6.31 -29.39 9.69
CA THR A 169 6.27 -29.45 9.66
C THR A 169 5.46 -29.45 10.95
N THR A 170 4.94 -28.29 11.35
CA THR A 170 4.15 -28.16 12.58
C THR A 170 2.68 -28.48 12.28
N ASP A 171 2.06 -29.20 13.21
CA ASP A 171 0.64 -29.57 13.09
C ASP A 171 -0.24 -28.41 13.55
N TRP A 172 -0.36 -27.40 12.70
CA TRP A 172 -1.18 -26.23 12.99
C TRP A 172 -2.65 -26.65 13.00
N LYS A 173 -3.39 -26.18 14.00
CA LYS A 173 -4.75 -26.65 14.27
C LYS A 173 -5.87 -25.68 13.92
N ILE A 174 -5.59 -24.37 13.91
CA ILE A 174 -6.64 -23.38 13.74
C ILE A 174 -6.04 -22.11 13.17
N ALA A 175 -6.81 -21.39 12.36
CA ALA A 175 -6.34 -20.14 11.77
C ALA A 175 -7.49 -19.25 11.36
N GLY A 176 -7.22 -17.96 11.30
CA GLY A 176 -8.10 -17.01 10.64
C GLY A 176 -7.79 -16.95 9.17
N PHE A 177 -8.82 -17.16 8.35
CA PHE A 177 -8.68 -17.24 6.90
C PHE A 177 -9.40 -16.06 6.26
N GLU A 178 -8.64 -15.11 5.74
CA GLU A 178 -9.21 -14.03 4.94
C GLU A 178 -9.19 -14.55 3.52
N GLU A 179 -10.29 -15.19 3.13
CA GLU A 179 -10.31 -15.97 1.89
C GLU A 179 -10.05 -15.11 0.65
N ASP A 180 -10.49 -13.86 0.70
CA ASP A 180 -10.34 -12.94 -0.42
C ASP A 180 -9.20 -11.95 -0.25
N SER A 181 -8.21 -12.26 0.58
CA SER A 181 -7.04 -11.38 0.71
C SER A 181 -6.40 -11.20 -0.67
N GLY A 182 -5.89 -10.01 -0.91
CA GLY A 182 -5.22 -9.69 -2.15
C GLY A 182 -3.73 -9.84 -2.07
N SER A 183 -3.13 -10.02 -3.24
CA SER A 183 -1.69 -10.06 -3.43
C SER A 183 -1.33 -9.14 -4.58
N PHE A 184 -0.27 -8.37 -4.44
CA PHE A 184 0.28 -7.56 -5.54
C PHE A 184 1.79 -7.52 -5.36
N ASP A 185 2.51 -7.44 -6.49
CA ASP A 185 3.96 -7.59 -6.47
C ASP A 185 4.62 -6.23 -6.69
N PRO A 186 5.58 -5.86 -5.82
CA PRO A 186 6.15 -4.51 -5.89
C PRO A 186 7.03 -4.23 -7.09
N GLU A 187 7.45 -5.27 -7.82
CA GLU A 187 8.20 -5.08 -9.05
C GLU A 187 7.32 -4.63 -10.21
N VAL A 188 5.99 -4.71 -10.05
CA VAL A 188 5.04 -4.46 -11.15
C VAL A 188 3.92 -3.47 -10.83
N ALA A 189 3.21 -3.64 -9.72
CA ALA A 189 1.89 -3.03 -9.55
C ALA A 189 1.85 -1.51 -9.77
N THR A 190 2.70 -0.77 -9.07
CA THR A 190 2.64 0.69 -9.16
C THR A 190 3.13 1.17 -10.52
N PHE A 191 4.04 0.41 -11.13
CA PHE A 191 4.56 0.76 -12.46
C PHE A 191 3.46 0.64 -13.51
N VAL A 192 2.66 -0.42 -13.44
CA VAL A 192 1.50 -0.55 -14.31
C VAL A 192 0.53 0.62 -14.10
N ALA A 194 1.24 3.63 -12.99
CA ALA A 194 1.84 4.85 -13.52
C ALA A 194 1.73 4.96 -15.04
N GLU A 195 1.97 3.86 -15.76
CA GLU A 195 1.84 3.85 -17.21
CA GLU A 195 1.84 3.85 -17.20
C GLU A 195 0.39 4.12 -17.62
N TYR A 196 -0.55 3.54 -16.87
CA TYR A 196 -1.96 3.78 -17.09
C TYR A 196 -2.31 5.25 -16.86
N ALA A 197 -1.81 5.84 -15.78
CA ALA A 197 -2.02 7.26 -15.52
C ALA A 197 -1.53 8.12 -16.68
N LYS A 198 -0.33 7.83 -17.18
CA LYS A 198 0.20 8.53 -18.35
C LYS A 198 -0.70 8.37 -19.57
N LYS A 199 -1.17 7.15 -19.81
CA LYS A 199 -2.08 6.88 -20.91
C LYS A 199 -3.38 7.69 -20.79
N GLY A 201 -3.58 10.58 -19.57
CA GLY A 201 -3.24 11.99 -19.79
C GLY A 201 -2.64 12.69 -18.58
N VAL A 202 -2.41 11.96 -17.49
CA VAL A 202 -1.66 12.53 -16.36
C VAL A 202 -0.23 12.73 -16.84
N ARG A 203 0.31 13.93 -16.65
CA ARG A 203 1.70 14.20 -17.01
C ARG A 203 2.54 14.16 -15.74
N ILE A 204 3.62 13.38 -15.79
CA ILE A 204 4.42 13.07 -14.60
C ILE A 204 5.86 13.47 -14.87
N TYR A 205 6.35 14.45 -14.11
CA TYR A 205 7.70 14.99 -14.30
C TYR A 205 8.61 14.49 -13.19
N THR A 206 9.61 13.70 -13.59
CA THR A 206 10.58 13.11 -12.67
C THR A 206 11.79 14.02 -12.53
N GLN A 207 12.63 13.73 -11.54
CA GLN A 207 13.76 14.60 -11.18
C GLN A 207 13.30 16.06 -11.04
N CYS A 208 12.16 16.24 -10.39
CA CYS A 208 11.44 17.51 -10.34
C CYS A 208 10.76 17.67 -8.99
N ALA A 209 11.52 18.15 -8.02
CA ALA A 209 11.03 18.32 -6.65
C ALA A 209 10.17 19.56 -6.52
N ALA A 210 9.02 19.41 -5.87
CA ALA A 210 8.23 20.55 -5.43
C ALA A 210 8.92 21.15 -4.21
N ARG A 211 9.22 22.45 -4.29
CA ARG A 211 9.87 23.19 -3.22
C ARG A 211 8.90 23.96 -2.32
N GLY A 212 7.79 24.41 -2.88
CA GLY A 212 6.83 25.19 -2.12
C GLY A 212 5.68 25.66 -2.97
N LEU A 213 4.98 26.67 -2.47
CA LEU A 213 3.82 27.26 -3.11
C LEU A 213 3.97 28.76 -3.22
N GLU A 214 3.16 29.35 -4.10
CA GLU A 214 2.86 30.77 -4.05
C GLU A 214 1.35 30.91 -3.97
N THR A 215 0.90 32.01 -3.38
CA THR A 215 -0.51 32.30 -3.22
C THR A 215 -0.83 33.72 -3.67
N GLN A 216 -2.10 33.95 -3.98
CA GLN A 216 -2.63 35.27 -4.30
C GLN A 216 -4.01 35.40 -3.69
N ALA A 217 -4.22 36.41 -2.85
CA ALA A 217 -5.51 36.65 -2.19
C ALA A 217 -6.07 35.43 -1.42
N GLY A 218 -5.19 34.70 -0.76
CA GLY A 218 -5.56 33.49 0.00
C GLY A 218 -5.85 32.25 -0.85
N VAL A 219 -5.51 32.32 -2.14
CA VAL A 219 -5.74 31.23 -3.09
C VAL A 219 -4.37 30.76 -3.59
N ILE A 220 -4.15 29.46 -3.67
CA ILE A 220 -2.91 28.94 -4.24
C ILE A 220 -2.83 29.40 -5.69
N SER A 221 -1.66 29.88 -6.09
CA SER A 221 -1.41 30.30 -7.47
C SER A 221 -0.39 29.44 -8.21
N ASP A 222 0.57 28.88 -7.49
CA ASP A 222 1.65 28.10 -8.11
C ASP A 222 2.14 27.02 -7.19
N VAL A 223 2.61 25.94 -7.80
CA VAL A 223 3.55 25.04 -7.16
C VAL A 223 4.93 25.38 -7.72
N VAL A 224 5.86 25.68 -6.83
CA VAL A 224 7.21 26.06 -7.20
C VAL A 224 8.06 24.80 -7.15
N THR A 225 8.66 24.45 -8.29
CA THR A 225 9.53 23.28 -8.37
C THR A 225 10.96 23.73 -8.59
N GLU A 226 11.87 22.77 -8.57
CA GLU A 226 13.26 23.05 -8.95
C GLU A 226 13.40 23.40 -10.45
N LYS A 227 12.42 22.98 -11.26
CA LYS A 227 12.36 23.30 -12.71
C LYS A 227 11.44 24.47 -13.09
N GLY A 228 11.07 25.31 -12.11
CA GLY A 228 10.16 26.43 -12.35
C GLY A 228 8.78 26.23 -11.74
N ALA A 229 7.91 27.21 -11.93
CA ALA A 229 6.60 27.24 -11.32
C ALA A 229 5.52 26.76 -12.29
N ILE A 230 4.56 26.00 -11.76
CA ILE A 230 3.37 25.60 -12.51
CA ILE A 230 3.34 25.59 -12.49
C ILE A 230 2.16 26.29 -11.86
N LYS A 231 1.36 26.96 -12.70
CA LYS A 231 0.15 27.63 -12.23
C LYS A 231 -0.94 26.62 -11.88
N THR A 232 -1.50 26.75 -10.69
CA THR A 232 -2.63 25.93 -10.24
C THR A 232 -3.19 26.53 -8.97
N SER A 233 -4.43 26.17 -8.65
CA SER A 233 -5.03 26.51 -7.35
CA SER A 233 -5.03 26.51 -7.36
C SER A 233 -5.41 25.28 -6.53
N GLN A 234 -5.03 24.09 -7.00
CA GLN A 234 -5.40 22.83 -6.34
C GLN A 234 -4.19 21.93 -6.25
N VAL A 235 -3.88 21.47 -5.04
CA VAL A 235 -2.66 20.72 -4.77
C VAL A 235 -2.96 19.51 -3.91
N VAL A 236 -2.40 18.36 -4.30
CA VAL A 236 -2.44 17.15 -3.49
C VAL A 236 -1.01 16.86 -3.03
N VAL A 237 -0.81 16.78 -1.73
CA VAL A 237 0.48 16.39 -1.17
C VAL A 237 0.44 14.89 -0.89
N ALA A 238 1.19 14.14 -1.68
CA ALA A 238 1.30 12.68 -1.55
C ALA A 238 2.78 12.30 -1.57
N GLY A 239 3.53 12.93 -0.68
CA GLY A 239 4.98 12.82 -0.65
C GLY A 239 5.56 11.66 0.13
N GLY A 240 4.72 10.69 0.51
CA GLY A 240 5.21 9.56 1.30
C GLY A 240 5.82 10.05 2.61
N VAL A 241 6.98 9.52 2.96
CA VAL A 241 7.60 9.86 4.25
C VAL A 241 7.99 11.33 4.33
N TRP A 242 8.14 11.99 3.18
CA TRP A 242 8.53 13.40 3.10
C TRP A 242 7.38 14.38 3.29
N SER A 243 6.14 13.89 3.42
CA SER A 243 5.00 14.80 3.54
C SER A 243 5.10 15.71 4.75
N ARG A 244 5.56 15.19 5.89
CA ARG A 244 5.78 16.01 7.08
C ARG A 244 6.75 17.16 6.79
N LEU A 245 7.90 16.84 6.18
CA LEU A 245 8.91 17.86 5.86
C LEU A 245 8.34 18.93 4.93
N PHE A 246 7.65 18.51 3.87
CA PHE A 246 7.06 19.44 2.92
C PHE A 246 6.08 20.40 3.60
N GLN A 248 5.94 21.10 6.85
CA GLN A 248 6.66 21.94 7.83
CA GLN A 248 6.63 21.95 7.83
C GLN A 248 7.16 23.24 7.20
N ASN A 249 7.59 23.17 5.94
CA ASN A 249 8.03 24.38 5.23
C ASN A 249 6.90 25.36 4.92
N LEU A 250 5.65 24.87 4.98
CA LEU A 250 4.44 25.70 4.93
C LEU A 250 3.87 26.01 6.33
N ASN A 251 4.64 25.75 7.38
CA ASN A 251 4.25 25.98 8.78
C ASN A 251 3.02 25.20 9.22
N VAL A 252 2.91 23.95 8.76
CA VAL A 252 1.85 23.03 9.16
C VAL A 252 2.49 21.76 9.68
N ASP A 253 2.12 21.36 10.90
CA ASP A 253 2.61 20.13 11.51
C ASP A 253 1.80 18.92 11.05
N VAL A 254 2.48 17.91 10.54
CA VAL A 254 1.88 16.63 10.19
C VAL A 254 2.53 15.60 11.12
N PRO A 255 1.80 15.10 12.15
CA PRO A 255 2.42 14.14 13.05
CA PRO A 255 2.41 14.12 13.05
C PRO A 255 2.59 12.76 12.40
N THR A 256 3.83 12.46 12.01
CA THR A 256 4.23 11.13 11.59
C THR A 256 5.53 10.83 12.29
N LEU A 257 5.76 9.54 12.55
CA LEU A 257 7.06 9.08 12.99
C LEU A 257 7.54 7.93 12.09
N PRO A 258 8.87 7.85 11.88
CA PRO A 258 9.40 6.81 11.00
C PRO A 258 9.22 5.39 11.52
N ALA A 259 9.05 4.46 10.58
CA ALA A 259 9.10 3.03 10.86
C ALA A 259 9.86 2.40 9.71
N TYR A 260 10.52 1.28 9.98
CA TYR A 260 11.33 0.59 8.99
C TYR A 260 11.01 -0.89 8.99
N GLN A 261 11.10 -1.51 7.83
CA GLN A 261 10.77 -2.92 7.67
C GLN A 261 11.61 -3.52 6.57
N SER A 262 12.10 -4.75 6.81
CA SER A 262 12.89 -5.49 5.84
CA SER A 262 12.90 -5.51 5.85
C SER A 262 12.01 -6.44 5.04
N GLN A 263 12.47 -6.77 3.83
CA GLN A 263 11.77 -7.65 2.90
C GLN A 263 12.74 -8.53 2.17
N GLN A 264 12.29 -9.72 1.81
CA GLN A 264 13.07 -10.69 1.05
C GLN A 264 12.22 -11.28 -0.06
N LEU A 265 12.88 -11.74 -1.11
CA LEU A 265 12.23 -12.42 -2.22
C LEU A 265 13.04 -13.67 -2.53
N ILE A 266 12.38 -14.82 -2.55
CA ILE A 266 13.04 -16.10 -2.83
C ILE A 266 12.37 -16.78 -4.02
N SER A 267 13.12 -17.67 -4.67
CA SER A 267 12.58 -18.42 -5.79
C SER A 267 11.57 -19.46 -5.30
N GLY A 268 10.74 -19.91 -6.24
CA GLY A 268 9.64 -20.80 -5.96
C GLY A 268 10.02 -22.26 -5.85
N SER A 269 9.00 -23.10 -5.77
CA SER A 269 9.17 -24.53 -5.61
C SER A 269 7.91 -25.23 -6.09
N PRO A 270 8.04 -26.40 -6.79
CA PRO A 270 6.84 -27.13 -7.21
CA PRO A 270 6.86 -27.15 -7.20
C PRO A 270 5.99 -27.67 -6.05
N THR A 271 6.58 -27.79 -4.86
CA THR A 271 5.88 -28.29 -3.67
C THR A 271 5.53 -27.21 -2.63
N ALA A 272 5.82 -25.95 -2.93
CA ALA A 272 5.42 -24.84 -2.05
C ALA A 272 3.88 -24.78 -1.97
N PRO A 273 3.34 -24.30 -0.83
CA PRO A 273 1.89 -24.41 -0.63
C PRO A 273 1.04 -23.34 -1.32
N GLY A 274 1.65 -22.30 -1.88
CA GLY A 274 0.90 -21.18 -2.42
C GLY A 274 0.36 -20.29 -1.32
N GLY A 275 -0.32 -19.23 -1.73
CA GLY A 275 -1.06 -18.39 -0.82
C GLY A 275 -0.22 -17.45 0.01
N ASN A 276 -0.87 -16.95 1.06
CA ASN A 276 -0.31 -15.99 2.00
C ASN A 276 -0.46 -16.63 3.38
N VAL A 277 0.65 -16.78 4.08
CA VAL A 277 0.70 -17.52 5.35
C VAL A 277 1.39 -16.65 6.41
N ALA A 278 0.83 -16.68 7.62
CA ALA A 278 1.37 -15.98 8.77
C ALA A 278 1.26 -16.90 9.98
N LEU A 279 2.41 -17.26 10.57
CA LEU A 279 2.45 -18.23 11.66
C LEU A 279 3.22 -17.71 12.85
N PRO A 280 2.91 -18.23 14.05
CA PRO A 280 3.78 -18.03 15.22
C PRO A 280 5.23 -18.38 14.92
N GLY A 281 6.14 -17.72 15.62
CA GLY A 281 7.57 -17.83 15.34
C GLY A 281 8.03 -16.91 14.22
N GLY A 282 7.18 -15.95 13.84
CA GLY A 282 7.51 -14.96 12.82
C GLY A 282 7.71 -15.49 11.42
N ILE A 283 6.86 -16.43 11.01
CA ILE A 283 6.96 -17.05 9.68
C ILE A 283 5.89 -16.45 8.78
N PHE A 284 6.34 -15.70 7.77
CA PHE A 284 5.45 -14.94 6.88
C PHE A 284 5.90 -15.13 5.45
N PHE A 285 5.00 -15.59 4.59
CA PHE A 285 5.30 -15.62 3.16
C PHE A 285 4.07 -15.42 2.30
N ARG A 286 4.33 -15.02 1.06
CA ARG A 286 3.27 -14.70 0.10
C ARG A 286 3.76 -15.06 -1.30
N GLU A 287 3.01 -15.91 -1.99
CA GLU A 287 3.34 -16.25 -3.37
C GLU A 287 3.05 -15.07 -4.30
N GLN A 288 4.04 -14.72 -5.12
CA GLN A 288 3.90 -13.70 -6.14
C GLN A 288 3.27 -14.29 -7.40
N ALA A 289 2.89 -13.41 -8.33
CA ALA A 289 2.17 -13.84 -9.53
C ALA A 289 3.00 -14.75 -10.44
N ASP A 290 4.32 -14.66 -10.34
CA ASP A 290 5.24 -15.52 -11.11
C ASP A 290 5.73 -16.75 -10.36
N GLY A 291 5.20 -17.02 -9.16
CA GLY A 291 5.60 -18.19 -8.38
C GLY A 291 6.80 -18.01 -7.47
N THR A 292 7.43 -16.83 -7.49
CA THR A 292 8.41 -16.48 -6.47
C THR A 292 7.65 -16.20 -5.17
N TYR A 293 8.38 -16.11 -4.06
CA TYR A 293 7.77 -15.88 -2.74
C TYR A 293 8.40 -14.71 -2.02
N ALA A 294 7.56 -13.76 -1.64
CA ALA A 294 7.92 -12.71 -0.72
C ALA A 294 7.93 -13.26 0.70
N THR A 295 8.90 -12.85 1.50
CA THR A 295 8.98 -13.25 2.91
C THR A 295 9.78 -12.21 3.68
N SER A 296 9.70 -12.28 5.00
CA SER A 296 10.45 -11.38 5.88
C SER A 296 10.29 -11.84 7.32
N PRO A 297 11.28 -11.53 8.20
CA PRO A 297 11.08 -11.84 9.63
C PRO A 297 9.95 -11.07 10.32
N ARG A 298 9.56 -9.93 9.77
CA ARG A 298 8.44 -9.15 10.29
C ARG A 298 7.84 -8.30 9.16
N VAL A 299 6.53 -8.46 8.92
CA VAL A 299 5.83 -7.77 7.82
C VAL A 299 4.76 -6.76 8.25
N ILE A 300 4.47 -6.65 9.55
CA ILE A 300 3.53 -5.66 10.07
C ILE A 300 4.19 -4.97 11.27
N VAL A 301 4.42 -3.66 11.16
CA VAL A 301 5.03 -2.88 12.26
C VAL A 301 4.07 -2.73 13.45
N ALA A 314 14.94 -0.89 15.26
CA ALA A 314 16.03 -1.21 14.35
C ALA A 314 15.63 -2.32 13.38
N LEU A 315 16.18 -2.27 12.15
CA LEU A 315 15.98 -3.32 11.16
C LEU A 315 16.71 -4.59 11.59
N PRO A 316 16.23 -5.76 11.14
CA PRO A 316 16.97 -6.99 11.39
C PRO A 316 18.34 -6.98 10.72
N ASP A 317 19.36 -7.46 11.43
CA ASP A 317 20.72 -7.55 10.86
C ASP A 317 20.81 -8.73 9.88
N LEU A 318 21.95 -8.86 9.21
CA LEU A 318 22.14 -9.93 8.23
C LEU A 318 22.02 -11.35 8.81
N PRO A 319 22.59 -11.60 10.01
CA PRO A 319 22.32 -12.89 10.67
C PRO A 319 20.84 -13.20 10.91
N GLU A 320 20.07 -12.20 11.38
CA GLU A 320 18.63 -12.40 11.59
C GLU A 320 17.89 -12.68 10.29
N LEU A 321 18.23 -11.96 9.22
CA LEU A 321 17.60 -12.17 7.91
C LEU A 321 17.86 -13.57 7.37
N ASN A 322 19.10 -14.04 7.49
CA ASN A 322 19.46 -15.39 7.11
C ASN A 322 18.73 -16.44 7.96
N ALA A 323 18.70 -16.20 9.26
CA ALA A 323 18.00 -17.08 10.21
C ALA A 323 16.49 -17.15 9.93
N SER A 324 15.92 -16.05 9.46
CA SER A 324 14.51 -16.02 9.07
C SER A 324 14.24 -17.00 7.92
N LEU A 325 15.10 -16.99 6.91
CA LEU A 325 15.00 -17.97 5.82
C LEU A 325 15.19 -19.40 6.31
N GLU A 326 16.12 -19.59 7.24
CA GLU A 326 16.33 -20.92 7.83
C GLU A 326 15.10 -21.45 8.54
N LYS A 327 14.43 -20.62 9.33
CA LYS A 327 13.24 -21.10 10.03
C LYS A 327 12.04 -21.26 9.09
N LEU A 328 11.96 -20.44 8.05
CA LEU A 328 10.97 -20.67 6.97
C LEU A 328 11.16 -22.06 6.34
N LYS A 329 12.40 -22.37 5.99
CA LYS A 329 12.74 -23.65 5.39
C LYS A 329 12.53 -24.84 6.34
N ALA A 330 12.77 -24.63 7.63
CA ALA A 330 12.50 -25.66 8.63
C ALA A 330 11.00 -25.97 8.73
N GLU A 331 10.18 -24.93 8.67
CA GLU A 331 8.73 -25.09 8.75
C GLU A 331 8.12 -25.60 7.44
N PHE A 332 8.66 -25.15 6.32
CA PHE A 332 8.22 -25.57 4.99
C PHE A 332 9.44 -26.01 4.16
N PRO A 333 9.83 -27.30 4.29
CA PRO A 333 10.97 -27.83 3.52
C PRO A 333 10.84 -27.71 2.00
N ALA A 334 9.64 -27.46 1.49
CA ALA A 334 9.46 -27.06 0.08
C ALA A 334 10.37 -25.91 -0.36
N PHE A 335 10.74 -25.03 0.57
CA PHE A 335 11.64 -23.90 0.26
C PHE A 335 13.13 -24.19 0.45
N LYS A 336 13.49 -25.42 0.81
CA LYS A 336 14.89 -25.76 1.14
C LYS A 336 15.90 -25.37 0.04
N GLU A 337 15.53 -25.59 -1.22
CA GLU A 337 16.40 -25.28 -2.37
C GLU A 337 16.13 -23.90 -3.01
N SER A 338 15.26 -23.10 -2.41
CA SER A 338 14.95 -21.77 -2.94
C SER A 338 16.13 -20.82 -2.82
N LYS A 339 16.36 -20.04 -3.85
CA LYS A 339 17.45 -19.07 -3.88
C LYS A 339 16.96 -17.71 -3.43
N LEU A 340 17.81 -16.98 -2.71
CA LEU A 340 17.52 -15.59 -2.35
C LEU A 340 17.71 -14.73 -3.58
N ILE A 341 16.61 -14.16 -4.08
CA ILE A 341 16.63 -13.31 -5.27
C ILE A 341 17.02 -11.89 -4.89
N ASP A 342 16.44 -11.40 -3.79
CA ASP A 342 16.70 -10.04 -3.34
C ASP A 342 16.32 -9.87 -1.88
N GLN A 343 16.88 -8.82 -1.30
CA GLN A 343 16.70 -8.49 0.11
C GLN A 343 16.86 -6.98 0.22
N TRP A 344 15.89 -6.31 0.82
CA TRP A 344 15.90 -4.86 0.89
C TRP A 344 15.12 -4.39 2.11
N SER A 345 15.11 -3.07 2.30
CA SER A 345 14.40 -2.43 3.40
CA SER A 345 14.31 -2.50 3.37
C SER A 345 13.62 -1.22 2.89
N GLY A 346 12.55 -0.88 3.60
CA GLY A 346 11.74 0.29 3.25
C GLY A 346 11.42 1.13 4.47
N ALA A 347 11.31 2.43 4.23
CA ALA A 347 10.96 3.42 5.25
C ALA A 347 9.50 3.83 5.11
N ALA A 349 6.20 6.14 7.26
CA ALA A 349 5.92 7.21 8.22
C ALA A 349 4.47 7.05 8.65
N ILE A 350 4.27 6.91 9.95
CA ILE A 350 3.02 6.44 10.53
C ILE A 350 2.51 7.48 11.54
N ALA A 351 1.20 7.71 11.52
CA ALA A 351 0.56 8.65 12.44
C ALA A 351 0.47 8.04 13.85
N PRO A 352 0.30 8.88 14.90
CA PRO A 352 0.24 8.38 16.29
C PRO A 352 -0.78 7.27 16.56
N ASP A 353 -1.91 7.29 15.86
CA ASP A 353 -2.97 6.28 16.03
C ASP A 353 -2.94 5.18 14.95
N GLU A 354 -1.90 5.18 14.11
CA GLU A 354 -1.65 4.17 13.07
CA GLU A 354 -1.64 4.18 13.07
C GLU A 354 -2.67 4.20 11.92
N ASN A 355 -3.44 5.28 11.81
CA ASN A 355 -4.40 5.43 10.71
C ASN A 355 -3.92 6.51 9.75
N PRO A 356 -4.44 6.51 8.50
CA PRO A 356 -3.96 7.47 7.51
C PRO A 356 -4.26 8.94 7.81
N ILE A 357 -3.53 9.82 7.14
CA ILE A 357 -3.87 11.23 7.09
C ILE A 357 -4.32 11.54 5.67
N ILE A 358 -5.63 11.72 5.54
CA ILE A 358 -6.30 12.02 4.27
C ILE A 358 -7.19 13.20 4.62
N SER A 359 -6.76 14.41 4.28
CA SER A 359 -7.30 15.59 4.96
C SER A 359 -7.16 16.87 4.18
N GLU A 360 -8.13 17.77 4.40
CA GLU A 360 -7.96 19.17 4.07
C GLU A 360 -6.94 19.79 5.02
N VAL A 361 -6.43 20.95 4.61
CA VAL A 361 -5.47 21.72 5.39
C VAL A 361 -6.09 23.11 5.50
N LYS A 362 -6.57 23.46 6.68
CA LYS A 362 -7.28 24.74 6.89
C LYS A 362 -6.41 25.96 6.56
N GLU A 363 -5.10 25.84 6.75
CA GLU A 363 -4.15 26.91 6.46
C GLU A 363 -4.03 27.19 4.95
N TYR A 364 -4.34 26.21 4.12
CA TYR A 364 -4.20 26.31 2.66
C TYR A 364 -5.43 25.74 1.94
N PRO A 365 -6.50 26.55 1.84
CA PRO A 365 -7.63 26.16 0.99
C PRO A 365 -7.17 25.76 -0.41
N GLY A 366 -7.70 24.65 -0.92
CA GLY A 366 -7.26 24.08 -2.20
C GLY A 366 -6.13 23.07 -2.10
N LEU A 367 -5.63 22.81 -0.89
CA LEU A 367 -4.58 21.82 -0.66
C LEU A 367 -5.11 20.68 0.19
N VAL A 368 -4.83 19.45 -0.25
CA VAL A 368 -5.17 18.27 0.53
C VAL A 368 -3.93 17.39 0.66
N ILE A 369 -3.97 16.55 1.69
CA ILE A 369 -2.88 15.62 2.02
CA ILE A 369 -2.87 15.62 1.96
C ILE A 369 -3.42 14.19 1.94
N ASN A 370 -2.64 13.29 1.34
CA ASN A 370 -2.97 11.86 1.31
C ASN A 370 -1.68 11.12 1.61
N THR A 371 -1.49 10.72 2.87
CA THR A 371 -0.19 10.22 3.31
C THR A 371 -0.29 9.46 4.64
N ALA A 372 0.88 9.17 5.20
CA ALA A 372 1.02 8.67 6.57
C ALA A 372 0.33 7.33 6.78
N THR A 373 0.49 6.42 5.83
CA THR A 373 -0.14 5.11 5.94
C THR A 373 0.86 3.98 5.76
N GLY A 374 0.66 2.93 6.57
CA GLY A 374 1.38 1.66 6.42
C GLY A 374 0.67 0.66 5.53
N TRP A 375 -0.44 1.07 4.90
CA TRP A 375 -1.28 0.18 4.08
C TRP A 375 -1.73 0.89 2.81
N GLY A 376 -0.89 1.78 2.28
CA GLY A 376 -1.27 2.62 1.15
C GLY A 376 -1.55 1.86 -0.12
N THR A 378 -2.98 -1.12 -0.42
CA THR A 378 -4.34 -1.63 -0.21
C THR A 378 -5.40 -0.53 -0.29
N GLU A 379 -5.12 0.57 0.41
CA GLU A 379 -6.09 1.64 0.58
C GLU A 379 -6.24 2.55 -0.64
N SER A 380 -5.21 2.60 -1.48
CA SER A 380 -5.08 3.63 -2.51
C SER A 380 -6.31 3.87 -3.39
N PRO A 381 -7.02 2.81 -3.86
CA PRO A 381 -8.17 3.13 -4.72
C PRO A 381 -9.24 3.97 -4.03
N VAL A 382 -9.39 3.77 -2.72
CA VAL A 382 -10.39 4.47 -1.95
C VAL A 382 -9.84 5.79 -1.39
N SER A 383 -8.61 5.78 -0.87
CA SER A 383 -8.04 7.04 -0.39
C SER A 383 -7.86 8.04 -1.54
N ALA A 384 -7.63 7.57 -2.76
CA ALA A 384 -7.61 8.44 -3.94
C ALA A 384 -8.94 9.15 -4.13
N GLU A 385 -10.03 8.40 -4.08
CA GLU A 385 -11.36 8.97 -4.22
C GLU A 385 -11.66 9.97 -3.10
N LEU A 386 -11.37 9.57 -1.86
CA LEU A 386 -11.60 10.44 -0.72
C LEU A 386 -10.80 11.74 -0.80
N THR A 387 -9.55 11.63 -1.22
CA THR A 387 -8.69 12.80 -1.38
C THR A 387 -9.29 13.78 -2.38
N ALA A 388 -9.72 13.25 -3.52
CA ALA A 388 -10.37 14.08 -4.53
C ALA A 388 -11.68 14.68 -4.02
N ASP A 389 -12.47 13.90 -3.29
CA ASP A 389 -13.71 14.40 -2.69
C ASP A 389 -13.42 15.58 -1.77
N LEU A 390 -12.42 15.44 -0.92
CA LEU A 390 -12.04 16.51 0.02
C LEU A 390 -11.53 17.74 -0.72
N LEU A 391 -10.70 17.53 -1.74
CA LEU A 391 -10.19 18.64 -2.54
C LEU A 391 -11.32 19.46 -3.18
N LEU A 392 -12.31 18.74 -3.70
CA LEU A 392 -13.37 19.35 -4.49
C LEU A 392 -14.61 19.73 -3.68
N GLY A 393 -14.63 19.40 -2.38
CA GLY A 393 -15.79 19.70 -1.54
C GLY A 393 -17.01 18.84 -1.81
N LYS A 394 -16.80 17.65 -2.38
CA LYS A 394 -17.87 16.71 -2.67
C LYS A 394 -18.24 15.96 -1.40
N LYS A 395 -19.50 15.51 -1.33
CA LYS A 395 -19.92 14.55 -0.30
C LYS A 395 -18.90 13.40 -0.33
N PRO A 396 -18.24 13.12 0.81
CA PRO A 396 -17.10 12.18 0.76
C PRO A 396 -17.49 10.70 0.74
N VAL A 397 -16.67 9.88 0.08
CA VAL A 397 -16.96 8.44 -0.09
C VAL A 397 -17.01 7.68 1.25
N LEU A 398 -16.13 8.04 2.17
CA LEU A 398 -16.14 7.48 3.52
C LEU A 398 -16.07 8.63 4.50
N ASP A 399 -16.40 8.31 5.76
CA ASP A 399 -16.27 9.25 6.88
C ASP A 399 -14.83 9.75 6.96
N PRO A 400 -14.60 11.06 6.71
CA PRO A 400 -13.23 11.57 6.73
C PRO A 400 -12.67 11.93 8.11
N LYS A 401 -13.52 11.97 9.14
CA LYS A 401 -13.09 12.39 10.47
C LYS A 401 -11.91 11.58 11.04
N PRO A 402 -11.93 10.24 10.91
CA PRO A 402 -10.79 9.48 11.44
C PRO A 402 -9.47 9.67 10.68
N PHE A 403 -9.51 10.33 9.52
CA PHE A 403 -8.30 10.59 8.72
C PHE A 403 -7.87 12.06 8.75
N SER A 404 -8.56 12.88 9.54
CA SER A 404 -8.28 14.30 9.60
C SER A 404 -6.92 14.59 10.21
N LEU A 405 -6.28 15.63 9.69
CA LEU A 405 -5.03 16.15 10.23
C LEU A 405 -5.20 16.72 11.64
N TYR A 406 -6.43 17.11 11.99
CA TYR A 406 -6.72 17.85 13.22
C TYR A 406 -7.35 16.98 14.32
N ARG A 407 -7.18 15.67 14.22
CA ARG A 407 -7.74 14.72 15.18
C ARG A 407 -6.85 14.46 16.41
N PHE A 408 -5.60 14.92 16.36
CA PHE A 408 -4.59 14.54 17.36
C PHE A 408 -4.60 15.49 18.56
#